data_6WVD
#
_entry.id   6WVD
#
_cell.length_a   90.774
_cell.length_b   42.718
_cell.length_c   111.782
_cell.angle_alpha   90.000
_cell.angle_beta   103.790
_cell.angle_gamma   90.000
#
_symmetry.space_group_name_H-M   'C 1 2 1'
#
loop_
_entity.id
_entity.type
_entity.pdbx_description
1 polymer 'Green fluorescent protein, Protein jagunal homolog 1 chimera'
2 non-polymer '(2R)-2,3-dihydroxypropyl (9Z)-octadec-9-enoate'
3 water water
#
_entity_poly.entity_id   1
_entity_poly.type   'polypeptide(L)'
_entity_poly.pdbx_seq_one_letter_code
;MSKGEELFTGVVPILVELDGDVNGHKFSVRGEGEGDATNGKLTLKFICTTGKLPVPWPTLVTTL(CRO)VQCFSRYPDHM
KRHDFFKSAMPEGYVQERTISFKDDGTYKTRAEVKFEGDTLVNRIELKGIDFKEDGNILGHKLEYNMASRAGPRAAGTDG
SDFQHRERVAMHYQMSVTLKYEIKKLIYVHLVIWLLLVAKMSVGHLRLLSHDQVAMPYQWEYPYLLSILPSLLGLLSFPR
NNISYLVLSMISMGLFSIAPLIYGSMEMFPAAQQLYRHGKAYRFLFGFSAVSIMYLVLVLAVQVHAWQLYYSKKLLDSWF
TSTQEKKHKNSHNVYITADKQKNGIKANFKIRHNVEDGSVQLADHYQQNTPIGDGPVLLPDNHYLSTQSVLSKDPNEKRD
HMVLLEFVTAAGITHHHHHHHHHH
;
_entity_poly.pdbx_strand_id   A
#
loop_
_chem_comp.id
_chem_comp.type
_chem_comp.name
_chem_comp.formula
OLC non-polymer '(2R)-2,3-dihydroxypropyl (9Z)-octadec-9-enoate' 'C21 H40 O4'
#
# COMPACT_ATOMS: atom_id res chain seq x y z
N MET A 1 4.05 -10.70 24.80
CA MET A 1 2.71 -10.15 25.00
C MET A 1 1.78 -11.20 25.62
N SER A 2 0.47 -10.95 25.50
CA SER A 2 -0.50 -11.83 26.14
C SER A 2 -0.49 -13.21 25.52
N LYS A 3 -0.91 -14.20 26.31
CA LYS A 3 -1.25 -15.50 25.75
C LYS A 3 -2.65 -15.42 25.18
N GLY A 4 -2.82 -15.92 23.97
CA GLY A 4 -4.00 -15.62 23.18
C GLY A 4 -3.55 -14.94 21.91
N GLU A 5 -2.54 -14.07 22.05
CA GLU A 5 -1.89 -13.50 20.87
C GLU A 5 -1.12 -14.57 20.09
N GLU A 6 -0.75 -15.66 20.75
CA GLU A 6 -0.02 -16.75 20.09
C GLU A 6 -0.92 -17.49 19.10
N LEU A 7 -2.23 -17.41 19.30
CA LEU A 7 -3.20 -17.95 18.37
C LEU A 7 -3.26 -17.17 17.06
N PHE A 8 -2.56 -16.04 16.95
CA PHE A 8 -2.66 -15.20 15.77
C PHE A 8 -1.34 -15.02 15.04
N THR A 9 -0.33 -15.83 15.35
CA THR A 9 0.97 -15.68 14.69
C THR A 9 0.94 -16.18 13.24
N GLY A 10 -0.05 -16.98 12.86
CA GLY A 10 -0.19 -17.48 11.51
C GLY A 10 -1.50 -17.06 10.88
N VAL A 11 -1.73 -17.59 9.69
CA VAL A 11 -2.98 -17.33 8.98
C VAL A 11 -4.07 -18.20 9.61
N VAL A 12 -5.15 -17.56 10.06
CA VAL A 12 -6.22 -18.21 10.80
C VAL A 12 -7.49 -18.19 9.95
N PRO A 13 -8.17 -19.32 9.76
CA PRO A 13 -9.45 -19.29 9.05
C PRO A 13 -10.51 -18.55 9.85
N ILE A 14 -11.48 -17.99 9.12
CA ILE A 14 -12.52 -17.17 9.71
C ILE A 14 -13.87 -17.66 9.22
N LEU A 15 -14.86 -17.66 10.11
CA LEU A 15 -16.26 -17.92 9.77
C LEU A 15 -17.10 -16.80 10.35
N VAL A 16 -17.96 -16.20 9.52
CA VAL A 16 -18.86 -15.13 9.95
C VAL A 16 -20.29 -15.55 9.63
N GLU A 17 -21.18 -15.41 10.61
CA GLU A 17 -22.58 -15.75 10.45
C GLU A 17 -23.44 -14.64 11.04
N LEU A 18 -24.36 -14.10 10.23
CA LEU A 18 -25.24 -13.01 10.62
C LEU A 18 -26.68 -13.40 10.38
N ASP A 19 -27.53 -13.14 11.36
CA ASP A 19 -28.97 -13.17 11.20
C ASP A 19 -29.51 -11.77 11.47
N GLY A 20 -30.31 -11.25 10.55
CA GLY A 20 -30.71 -9.85 10.59
C GLY A 20 -32.19 -9.65 10.39
N ASP A 21 -32.69 -8.55 10.98
CA ASP A 21 -34.09 -8.14 10.87
C ASP A 21 -34.12 -6.62 10.81
N VAL A 22 -34.39 -6.08 9.63
CA VAL A 22 -34.43 -4.63 9.42
C VAL A 22 -35.82 -4.28 8.95
N ASN A 23 -36.59 -3.59 9.81
CA ASN A 23 -37.95 -3.16 9.50
C ASN A 23 -38.85 -4.34 9.11
N GLY A 24 -38.56 -5.52 9.64
CA GLY A 24 -39.30 -6.72 9.32
C GLY A 24 -38.67 -7.56 8.22
N HIS A 25 -37.77 -6.99 7.42
CA HIS A 25 -37.10 -7.75 6.38
C HIS A 25 -36.05 -8.64 7.03
N LYS A 26 -36.25 -9.95 6.93
CA LYS A 26 -35.33 -10.93 7.51
C LYS A 26 -34.34 -11.41 6.46
N PHE A 27 -33.10 -11.65 6.89
CA PHE A 27 -32.04 -12.03 5.98
C PHE A 27 -30.92 -12.69 6.77
N SER A 28 -30.07 -13.42 6.05
CA SER A 28 -28.92 -14.10 6.62
C SER A 28 -27.71 -13.90 5.73
N VAL A 29 -26.54 -13.72 6.34
CA VAL A 29 -25.28 -13.54 5.63
C VAL A 29 -24.24 -14.48 6.25
N ARG A 30 -23.60 -15.29 5.40
CA ARG A 30 -22.54 -16.19 5.82
C ARG A 30 -21.24 -15.76 5.13
N GLY A 31 -20.16 -15.69 5.89
CA GLY A 31 -18.87 -15.32 5.32
C GLY A 31 -17.77 -16.30 5.73
N GLU A 32 -16.78 -16.42 4.85
CA GLU A 32 -15.61 -17.25 5.12
C GLU A 32 -14.38 -16.58 4.53
N GLY A 33 -13.24 -16.79 5.17
CA GLY A 33 -12.01 -16.19 4.68
C GLY A 33 -10.84 -16.54 5.56
N GLU A 34 -9.80 -15.70 5.49
CA GLU A 34 -8.56 -15.95 6.20
C GLU A 34 -8.14 -14.69 6.94
N GLY A 35 -7.38 -14.88 8.00
CA GLY A 35 -6.95 -13.78 8.87
C GLY A 35 -5.46 -13.84 9.13
N ASP A 36 -4.81 -12.69 9.00
CA ASP A 36 -3.35 -12.60 9.11
C ASP A 36 -3.02 -11.39 10.00
N ALA A 37 -2.98 -11.63 11.32
CA ALA A 37 -2.76 -10.55 12.27
C ALA A 37 -1.36 -9.96 12.16
N THR A 38 -0.39 -10.75 11.71
CA THR A 38 0.98 -10.25 11.59
C THR A 38 1.05 -9.08 10.61
N ASN A 39 0.28 -9.16 9.52
CA ASN A 39 0.17 -8.07 8.56
C ASN A 39 -1.09 -7.24 8.77
N GLY A 40 -1.94 -7.60 9.73
CA GLY A 40 -3.18 -6.88 9.96
C GLY A 40 -4.11 -6.90 8.76
N LYS A 41 -4.11 -7.98 8.00
CA LYS A 41 -4.85 -8.07 6.74
C LYS A 41 -5.92 -9.14 6.84
N LEU A 42 -7.09 -8.84 6.25
CA LEU A 42 -8.23 -9.74 6.22
C LEU A 42 -8.74 -9.88 4.80
N THR A 43 -9.08 -11.09 4.40
CA THR A 43 -9.77 -11.35 3.13
C THR A 43 -10.95 -12.26 3.40
N LEU A 44 -12.15 -11.79 3.04
CA LEU A 44 -13.38 -12.54 3.28
C LEU A 44 -14.32 -12.38 2.10
N LYS A 45 -15.17 -13.38 1.91
CA LYS A 45 -16.26 -13.32 0.95
C LYS A 45 -17.56 -13.60 1.69
N PHE A 46 -18.54 -12.71 1.52
CA PHE A 46 -19.82 -12.81 2.21
C PHE A 46 -20.93 -13.11 1.20
N ILE A 47 -21.89 -13.91 1.62
CA ILE A 47 -23.00 -14.33 0.78
C ILE A 47 -24.30 -14.13 1.55
N CYS A 48 -25.28 -13.49 0.91
CA CYS A 48 -26.64 -13.45 1.46
C CYS A 48 -27.31 -14.77 1.10
N THR A 49 -27.49 -15.63 2.08
CA THR A 49 -28.00 -16.98 1.86
C THR A 49 -29.51 -17.04 1.78
N THR A 50 -30.21 -15.94 2.08
CA THR A 50 -31.67 -15.90 2.01
C THR A 50 -32.17 -15.24 0.73
N GLY A 51 -31.27 -14.96 -0.22
CA GLY A 51 -31.65 -14.28 -1.44
C GLY A 51 -31.04 -12.89 -1.55
N LYS A 52 -31.90 -11.87 -1.61
CA LYS A 52 -31.47 -10.49 -1.79
C LYS A 52 -31.26 -9.81 -0.45
N LEU A 53 -30.14 -9.10 -0.32
CA LEU A 53 -29.88 -8.32 0.88
C LEU A 53 -30.79 -7.10 0.88
N PRO A 54 -31.59 -6.87 1.92
CA PRO A 54 -32.50 -5.71 1.93
C PRO A 54 -31.85 -4.41 2.32
N VAL A 55 -30.55 -4.40 2.62
CA VAL A 55 -29.82 -3.18 2.91
C VAL A 55 -28.55 -3.18 2.09
N PRO A 56 -27.90 -2.02 1.91
CA PRO A 56 -26.63 -1.99 1.18
C PRO A 56 -25.53 -2.71 1.95
N TRP A 57 -24.70 -3.43 1.21
CA TRP A 57 -23.53 -4.09 1.80
C TRP A 57 -22.64 -3.17 2.62
N PRO A 58 -22.33 -1.93 2.21
CA PRO A 58 -21.46 -1.08 3.05
C PRO A 58 -21.99 -0.85 4.45
N THR A 59 -23.30 -0.87 4.67
CA THR A 59 -23.84 -0.66 6.01
C THR A 59 -23.53 -1.83 6.94
N LEU A 60 -23.16 -2.99 6.41
CA LEU A 60 -22.91 -4.19 7.21
C LEU A 60 -21.43 -4.48 7.42
N VAL A 61 -20.53 -3.68 6.82
CA VAL A 61 -19.10 -3.97 6.88
C VAL A 61 -18.61 -3.98 8.32
N THR A 62 -18.94 -2.93 9.09
CA THR A 62 -18.42 -2.84 10.45
C THR A 62 -18.98 -3.94 11.35
N THR A 63 -20.19 -4.44 11.05
CA THR A 63 -20.78 -5.49 11.86
C THR A 63 -20.17 -6.85 11.55
N LEU A 64 -20.01 -7.17 10.27
CA LEU A 64 -19.42 -8.43 9.85
C LEU A 64 -17.95 -8.53 10.26
N1 CRO A 65 -17.04 -7.53 9.88
CA1 CRO A 65 -15.65 -7.36 10.26
CB1 CRO A 65 -14.82 -7.02 9.02
CG1 CRO A 65 -14.89 -8.18 8.04
OG1 CRO A 65 -15.33 -5.87 8.41
C1 CRO A 65 -15.52 -6.24 11.28
N2 CRO A 65 -15.02 -4.94 11.02
N3 CRO A 65 -15.91 -6.40 12.68
C2 CRO A 65 -15.62 -5.10 13.32
O2 CRO A 65 -15.80 -4.83 14.46
CA2 CRO A 65 -15.05 -4.17 12.22
CA3 CRO A 65 -16.45 -7.58 13.31
C3 CRO A 65 -15.49 -8.09 14.36
O3 CRO A 65 -15.80 -9.10 15.04
CB2 CRO A 65 -14.67 -2.91 12.41
CG2 CRO A 65 -14.56 -1.85 11.30
CD1 CRO A 65 -14.61 -2.18 9.96
CD2 CRO A 65 -14.40 -0.52 11.68
CE1 CRO A 65 -14.50 -1.18 8.99
CE2 CRO A 65 -14.29 0.47 10.71
CZ CRO A 65 -14.34 0.15 9.37
OH CRO A 65 -14.24 1.14 8.40
N VAL A 66 -14.25 -8.47 13.61
CA VAL A 66 -13.19 -9.35 14.07
C VAL A 66 -11.90 -8.56 14.28
N GLN A 67 -11.95 -7.59 15.18
CA GLN A 67 -10.82 -6.69 15.41
C GLN A 67 -9.65 -7.38 16.11
N CYS A 68 -9.77 -8.66 16.44
CA CYS A 68 -8.63 -9.43 16.92
C CYS A 68 -7.55 -9.61 15.85
N PHE A 69 -7.85 -9.31 14.59
CA PHE A 69 -6.88 -9.42 13.51
C PHE A 69 -6.19 -8.10 13.20
N SER A 70 -6.41 -7.08 14.02
CA SER A 70 -5.65 -5.84 13.89
C SER A 70 -4.18 -6.11 14.19
N ARG A 71 -3.30 -5.43 13.45
CA ARG A 71 -1.88 -5.48 13.76
C ARG A 71 -1.59 -4.46 14.85
N TYR A 72 -1.18 -4.93 16.00
CA TYR A 72 -0.79 -3.98 17.04
C TYR A 72 0.72 -3.78 16.99
N PRO A 73 1.18 -2.54 16.97
CA PRO A 73 2.63 -2.29 17.00
C PRO A 73 3.28 -2.94 18.22
N ASP A 74 4.58 -3.22 18.07
CA ASP A 74 5.32 -3.95 19.09
C ASP A 74 5.18 -3.29 20.47
N HIS A 75 5.26 -1.96 20.53
CA HIS A 75 5.16 -1.27 21.80
C HIS A 75 3.72 -1.09 22.27
N MET A 76 2.73 -1.48 21.46
CA MET A 76 1.33 -1.37 21.82
C MET A 76 0.67 -2.71 22.11
N LYS A 77 1.43 -3.80 22.10
CA LYS A 77 0.85 -5.12 22.31
C LYS A 77 0.21 -5.23 23.69
N ARG A 78 0.67 -4.44 24.66
CA ARG A 78 0.05 -4.40 25.98
C ARG A 78 -1.36 -3.81 25.97
N HIS A 79 -1.80 -3.28 24.84
CA HIS A 79 -3.12 -2.66 24.73
C HIS A 79 -4.07 -3.47 23.86
N ASP A 80 -3.71 -4.70 23.49
CA ASP A 80 -4.50 -5.51 22.58
C ASP A 80 -5.52 -6.31 23.38
N PHE A 81 -6.67 -5.71 23.66
CA PHE A 81 -7.72 -6.40 24.38
C PHE A 81 -8.25 -7.60 23.60
N PHE A 82 -8.41 -7.44 22.28
CA PHE A 82 -9.13 -8.43 21.47
C PHE A 82 -8.45 -9.78 21.48
N LYS A 83 -7.15 -9.81 21.18
CA LYS A 83 -6.42 -11.07 21.24
C LYS A 83 -6.34 -11.62 22.65
N SER A 84 -6.25 -10.73 23.65
CA SER A 84 -6.06 -11.17 25.03
C SER A 84 -7.26 -11.99 25.53
N ALA A 85 -8.46 -11.72 25.01
CA ALA A 85 -9.65 -12.45 25.43
C ALA A 85 -9.75 -13.83 24.80
N MET A 86 -8.90 -14.15 23.82
CA MET A 86 -8.95 -15.45 23.19
C MET A 86 -8.26 -16.50 24.06
N PRO A 87 -8.63 -17.78 23.94
CA PRO A 87 -9.58 -18.35 22.97
C PRO A 87 -11.08 -18.25 23.31
N GLU A 88 -11.43 -18.01 24.57
CA GLU A 88 -12.84 -17.97 24.96
C GLU A 88 -13.59 -16.83 24.27
N GLY A 89 -12.89 -15.75 23.94
CA GLY A 89 -13.47 -14.73 23.10
C GLY A 89 -14.12 -13.59 23.87
N TYR A 90 -14.91 -12.81 23.13
CA TYR A 90 -15.59 -11.66 23.69
C TYR A 90 -16.93 -11.47 23.01
N VAL A 91 -17.79 -10.71 23.68
CA VAL A 91 -19.07 -10.27 23.13
C VAL A 91 -18.91 -8.84 22.65
N GLN A 92 -19.32 -8.58 21.41
CA GLN A 92 -19.27 -7.24 20.84
C GLN A 92 -20.69 -6.76 20.56
N GLU A 93 -21.08 -5.66 21.19
CA GLU A 93 -22.39 -5.07 21.02
C GLU A 93 -22.24 -3.66 20.46
N ARG A 94 -23.17 -3.26 19.60
CA ARG A 94 -23.09 -1.98 18.93
C ARG A 94 -24.47 -1.35 18.79
N THR A 95 -24.50 -0.02 18.85
CA THR A 95 -25.62 0.77 18.36
C THR A 95 -25.10 1.62 17.23
N ILE A 96 -25.71 1.48 16.05
CA ILE A 96 -25.30 2.21 14.85
C ILE A 96 -26.44 3.12 14.44
N SER A 97 -26.26 4.43 14.64
CA SER A 97 -27.29 5.42 14.36
C SER A 97 -27.04 6.03 12.98
N PHE A 98 -27.92 5.72 12.03
CA PHE A 98 -27.88 6.33 10.70
C PHE A 98 -28.64 7.65 10.77
N LYS A 99 -27.94 8.75 10.53
CA LYS A 99 -28.54 10.07 10.71
C LYS A 99 -29.73 10.26 9.79
N ASP A 100 -30.82 10.77 10.37
CA ASP A 100 -32.09 10.97 9.66
C ASP A 100 -32.64 9.67 9.09
N ASP A 101 -32.39 8.57 9.78
CA ASP A 101 -32.87 7.26 9.33
C ASP A 101 -32.96 6.34 10.54
N GLY A 102 -32.85 5.03 10.30
CA GLY A 102 -33.00 4.04 11.36
C GLY A 102 -31.69 3.77 12.09
N THR A 103 -31.75 2.79 13.00
CA THR A 103 -30.61 2.40 13.80
C THR A 103 -30.43 0.88 13.76
N TYR A 104 -29.17 0.44 13.74
CA TYR A 104 -28.84 -0.97 13.90
C TYR A 104 -28.54 -1.26 15.37
N LYS A 105 -29.04 -2.39 15.85
CA LYS A 105 -28.68 -2.93 17.15
C LYS A 105 -28.09 -4.31 16.92
N THR A 106 -26.83 -4.50 17.32
CA THR A 106 -26.12 -5.74 17.05
C THR A 106 -25.51 -6.31 18.32
N ARG A 107 -25.53 -7.64 18.43
CA ARG A 107 -24.79 -8.37 19.45
C ARG A 107 -24.08 -9.52 18.77
N ALA A 108 -22.78 -9.65 19.05
CA ALA A 108 -21.96 -10.64 18.38
C ALA A 108 -21.05 -11.34 19.39
N GLU A 109 -20.77 -12.61 19.11
CA GLU A 109 -19.82 -13.39 19.88
C GLU A 109 -18.65 -13.75 18.97
N VAL A 110 -17.46 -13.34 19.35
CA VAL A 110 -16.24 -13.64 18.61
C VAL A 110 -15.41 -14.58 19.45
N LYS A 111 -15.09 -15.76 18.91
CA LYS A 111 -14.41 -16.79 19.69
C LYS A 111 -13.81 -17.80 18.73
N PHE A 112 -12.93 -18.63 19.27
CA PHE A 112 -12.34 -19.73 18.54
C PHE A 112 -13.21 -20.98 18.68
N GLU A 113 -13.54 -21.59 17.55
CA GLU A 113 -14.24 -22.88 17.52
C GLU A 113 -13.32 -23.84 16.78
N GLY A 114 -12.56 -24.63 17.53
CA GLY A 114 -11.50 -25.41 16.92
C GLY A 114 -10.37 -24.49 16.49
N ASP A 115 -9.96 -24.59 15.24
CA ASP A 115 -8.93 -23.75 14.68
C ASP A 115 -9.49 -22.56 13.91
N THR A 116 -10.78 -22.28 14.05
CA THR A 116 -11.44 -21.23 13.28
C THR A 116 -11.94 -20.14 14.20
N LEU A 117 -11.60 -18.90 13.87
CA LEU A 117 -12.15 -17.73 14.55
C LEU A 117 -13.50 -17.42 13.94
N VAL A 118 -14.56 -17.55 14.74
CA VAL A 118 -15.93 -17.39 14.26
C VAL A 118 -16.55 -16.13 14.87
N ASN A 119 -17.39 -15.46 14.09
CA ASN A 119 -18.09 -14.26 14.50
C ASN A 119 -19.57 -14.46 14.18
N ARG A 120 -20.37 -14.74 15.20
CA ARG A 120 -21.81 -14.97 15.05
C ARG A 120 -22.55 -13.74 15.57
N ILE A 121 -23.37 -13.15 14.71
CA ILE A 121 -24.00 -11.86 14.96
C ILE A 121 -25.51 -11.99 14.84
N GLU A 122 -26.23 -11.30 15.72
CA GLU A 122 -27.63 -10.98 15.48
C GLU A 122 -27.75 -9.48 15.32
N LEU A 123 -28.52 -9.06 14.32
CA LEU A 123 -28.67 -7.66 13.98
C LEU A 123 -30.16 -7.34 13.89
N LYS A 124 -30.53 -6.18 14.40
CA LYS A 124 -31.90 -5.70 14.28
C LYS A 124 -31.87 -4.24 13.85
N GLY A 125 -32.65 -3.91 12.82
CA GLY A 125 -32.81 -2.54 12.39
C GLY A 125 -34.22 -2.04 12.58
N ILE A 126 -34.38 -0.84 13.14
CA ILE A 126 -35.69 -0.29 13.46
C ILE A 126 -35.80 1.13 12.91
N ASP A 127 -37.04 1.52 12.58
CA ASP A 127 -37.38 2.91 12.26
C ASP A 127 -36.61 3.42 11.05
N PHE A 128 -36.41 2.56 10.05
CA PHE A 128 -35.76 2.97 8.81
C PHE A 128 -36.81 3.52 7.85
N LYS A 129 -36.44 4.60 7.16
CA LYS A 129 -37.32 5.20 6.17
C LYS A 129 -37.27 4.39 4.88
N GLU A 130 -38.46 4.01 4.38
CA GLU A 130 -38.52 3.10 3.23
C GLU A 130 -37.88 3.72 1.99
N ASP A 131 -37.94 5.05 1.86
CA ASP A 131 -37.32 5.76 0.75
C ASP A 131 -36.04 6.47 1.15
N GLY A 132 -35.47 6.11 2.29
CA GLY A 132 -34.21 6.67 2.73
C GLY A 132 -33.03 6.06 1.99
N ASN A 133 -31.83 6.41 2.46
CA ASN A 133 -30.61 5.99 1.78
C ASN A 133 -30.32 4.52 1.97
N ILE A 134 -30.86 3.89 3.01
CA ILE A 134 -30.55 2.49 3.33
C ILE A 134 -31.49 1.57 2.57
N LEU A 135 -32.77 1.56 2.96
CA LEU A 135 -33.73 0.70 2.28
C LEU A 135 -33.97 1.14 0.84
N GLY A 136 -33.62 2.38 0.49
CA GLY A 136 -33.65 2.82 -0.89
C GLY A 136 -32.42 2.48 -1.71
N HIS A 137 -31.39 1.94 -1.07
CA HIS A 137 -30.16 1.51 -1.75
C HIS A 137 -29.55 2.65 -2.57
N LYS A 138 -29.35 3.79 -1.92
CA LYS A 138 -28.73 4.94 -2.55
C LYS A 138 -27.25 5.07 -2.21
N LEU A 139 -26.64 4.03 -1.64
CA LEU A 139 -25.26 4.10 -1.18
C LEU A 139 -24.31 3.49 -2.19
N GLU A 140 -23.16 4.15 -2.37
CA GLU A 140 -22.12 3.63 -3.22
C GLU A 140 -21.56 2.32 -2.65
N TYR A 141 -21.03 1.48 -3.55
CA TYR A 141 -20.45 0.19 -3.16
C TYR A 141 -18.96 0.37 -2.92
N ASN A 142 -18.64 0.94 -1.76
CA ASN A 142 -17.25 1.13 -1.33
C ASN A 142 -17.27 1.53 0.13
N MET A 143 -16.07 1.76 0.69
CA MET A 143 -15.91 2.28 2.04
C MET A 143 -15.00 3.51 2.03
N ALA A 144 -15.04 4.29 0.94
CA ALA A 144 -14.18 5.46 0.82
C ALA A 144 -14.64 6.56 1.75
N SER A 145 -13.69 7.11 2.52
CA SER A 145 -13.98 8.19 3.47
C SER A 145 -13.78 9.57 2.85
N ARG A 146 -13.93 9.70 1.54
CA ARG A 146 -13.79 10.98 0.85
C ARG A 146 -15.14 11.61 0.57
N GLN A 160 -11.78 18.51 -4.15
CA GLN A 160 -10.37 18.84 -4.12
C GLN A 160 -9.51 17.59 -4.16
N HIS A 161 -9.97 16.53 -3.49
CA HIS A 161 -9.20 15.29 -3.46
C HIS A 161 -9.25 14.59 -4.82
N ARG A 162 -10.41 14.58 -5.47
CA ARG A 162 -10.52 13.95 -6.79
C ARG A 162 -9.58 14.60 -7.79
N GLU A 163 -9.41 15.92 -7.68
CA GLU A 163 -8.48 16.62 -8.56
C GLU A 163 -7.04 16.22 -8.27
N ARG A 164 -6.73 15.97 -7.00
CA ARG A 164 -5.38 15.56 -6.64
C ARG A 164 -5.06 14.16 -7.16
N VAL A 165 -6.04 13.26 -7.17
CA VAL A 165 -5.82 11.93 -7.71
C VAL A 165 -5.50 12.00 -9.19
N ALA A 166 -6.27 12.79 -9.95
CA ALA A 166 -5.98 12.99 -11.36
C ALA A 166 -4.64 13.70 -11.55
N MET A 167 -4.34 14.68 -10.69
CA MET A 167 -3.05 15.33 -10.76
C MET A 167 -1.91 14.34 -10.55
N HIS A 168 -2.06 13.43 -9.59
CA HIS A 168 -0.99 12.48 -9.30
C HIS A 168 -0.76 11.50 -10.44
N TYR A 169 -1.85 11.00 -11.04
CA TYR A 169 -1.71 10.04 -12.13
C TYR A 169 -1.04 10.67 -13.34
N GLN A 170 -1.45 11.90 -13.69
CA GLN A 170 -0.83 12.60 -14.81
C GLN A 170 0.64 12.86 -14.54
N MET A 171 0.98 13.22 -13.30
CA MET A 171 2.39 13.44 -12.95
C MET A 171 3.19 12.15 -13.08
N SER A 172 2.63 11.03 -12.60
CA SER A 172 3.31 9.75 -12.72
C SER A 172 3.49 9.36 -14.19
N VAL A 173 2.44 9.51 -14.99
CA VAL A 173 2.52 9.20 -16.42
C VAL A 173 3.57 10.09 -17.09
N THR A 174 3.59 11.38 -16.74
CA THR A 174 4.55 12.30 -17.35
C THR A 174 5.99 11.90 -17.02
N LEU A 175 6.26 11.62 -15.74
CA LEU A 175 7.63 11.34 -15.34
C LEU A 175 8.12 10.00 -15.86
N LYS A 176 7.21 9.02 -15.98
CA LYS A 176 7.60 7.73 -16.55
C LYS A 176 8.06 7.87 -17.99
N TYR A 177 7.33 8.67 -18.78
CA TYR A 177 7.68 8.83 -20.19
C TYR A 177 9.04 9.52 -20.35
N GLU A 178 9.26 10.59 -19.59
CA GLU A 178 10.54 11.30 -19.66
C GLU A 178 11.70 10.40 -19.23
N ILE A 179 11.51 9.62 -18.17
CA ILE A 179 12.57 8.72 -17.72
C ILE A 179 12.81 7.63 -18.76
N LYS A 180 11.73 7.12 -19.37
CA LYS A 180 11.86 6.10 -20.41
C LYS A 180 12.71 6.61 -21.58
N LYS A 181 12.49 7.85 -21.99
CA LYS A 181 13.26 8.40 -23.11
C LYS A 181 14.73 8.55 -22.74
N LEU A 182 15.02 8.97 -21.51
CA LEU A 182 16.40 9.07 -21.06
C LEU A 182 17.04 7.70 -20.95
N ILE A 183 16.28 6.71 -20.47
CA ILE A 183 16.81 5.35 -20.37
C ILE A 183 17.18 4.82 -21.76
N TYR A 184 16.35 5.12 -22.76
CA TYR A 184 16.64 4.67 -24.12
C TYR A 184 17.95 5.28 -24.63
N VAL A 185 18.17 6.56 -24.36
CA VAL A 185 19.44 7.18 -24.70
C VAL A 185 20.58 6.50 -23.95
N HIS A 186 20.37 6.21 -22.67
CA HIS A 186 21.43 5.60 -21.86
C HIS A 186 21.79 4.22 -22.40
N LEU A 187 20.80 3.44 -22.81
CA LEU A 187 21.07 2.08 -23.29
C LEU A 187 21.83 2.10 -24.62
N VAL A 188 21.57 3.10 -25.45
CA VAL A 188 22.34 3.26 -26.68
C VAL A 188 23.79 3.58 -26.35
N ILE A 189 24.00 4.49 -25.39
CA ILE A 189 25.35 4.80 -24.94
C ILE A 189 26.01 3.56 -24.35
N TRP A 190 25.27 2.81 -23.53
CA TRP A 190 25.82 1.61 -22.91
C TRP A 190 26.21 0.57 -23.95
N LEU A 191 25.38 0.38 -24.98
CA LEU A 191 25.70 -0.58 -26.03
C LEU A 191 26.94 -0.15 -26.80
N LEU A 192 27.08 1.15 -27.07
CA LEU A 192 28.25 1.63 -27.79
C LEU A 192 29.52 1.44 -26.97
N LEU A 193 29.45 1.70 -25.67
CA LEU A 193 30.62 1.51 -24.82
C LEU A 193 30.93 0.03 -24.63
N VAL A 194 29.90 -0.82 -24.59
CA VAL A 194 30.13 -2.26 -24.55
C VAL A 194 30.85 -2.71 -25.81
N ALA A 195 30.34 -2.29 -26.97
CA ALA A 195 30.98 -2.65 -28.24
C ALA A 195 32.40 -2.10 -28.31
N LYS A 196 32.59 -0.86 -27.86
CA LYS A 196 33.93 -0.27 -27.88
C LYS A 196 34.89 -1.01 -26.97
N MET A 197 34.42 -1.43 -25.79
CA MET A 197 35.29 -2.11 -24.85
C MET A 197 35.67 -3.50 -25.35
N SER A 198 34.71 -4.25 -25.89
CA SER A 198 35.00 -5.60 -26.36
C SER A 198 35.78 -5.59 -27.67
N VAL A 199 35.60 -4.57 -28.50
CA VAL A 199 36.39 -4.46 -29.73
C VAL A 199 37.87 -4.32 -29.37
N GLY A 200 38.19 -3.45 -28.42
CA GLY A 200 39.58 -3.24 -28.06
C GLY A 200 40.16 -4.39 -27.26
N HIS A 201 39.38 -4.94 -26.32
CA HIS A 201 39.89 -5.99 -25.45
C HIS A 201 40.26 -7.25 -26.25
N LEU A 202 39.44 -7.61 -27.22
CA LEU A 202 39.74 -8.74 -28.10
C LEU A 202 40.48 -8.31 -29.35
N ARG A 203 40.76 -7.01 -29.48
CA ARG A 203 41.46 -6.45 -30.65
C ARG A 203 40.75 -6.82 -31.95
N LEU A 204 39.42 -6.71 -31.97
CA LEU A 204 38.68 -6.84 -33.22
C LEU A 204 39.19 -5.83 -34.24
N LEU A 205 39.51 -4.64 -33.77
CA LEU A 205 40.31 -3.67 -34.50
C LEU A 205 41.53 -3.32 -33.66
N SER A 206 42.54 -2.77 -34.31
CA SER A 206 43.79 -2.48 -33.61
C SER A 206 43.59 -1.39 -32.56
N HIS A 207 44.61 -1.20 -31.72
CA HIS A 207 44.50 -0.26 -30.62
C HIS A 207 44.64 1.19 -31.07
N ASP A 208 45.37 1.44 -32.16
CA ASP A 208 45.43 2.80 -32.70
C ASP A 208 44.07 3.26 -33.19
N GLN A 209 43.21 2.33 -33.60
CA GLN A 209 41.86 2.70 -34.02
C GLN A 209 40.97 2.96 -32.81
N VAL A 210 40.90 2.00 -31.90
CA VAL A 210 40.05 2.07 -30.71
C VAL A 210 40.95 1.88 -29.50
N ALA A 211 41.17 2.95 -28.75
CA ALA A 211 42.02 2.88 -27.57
C ALA A 211 41.37 1.99 -26.51
N MET A 212 42.22 1.44 -25.63
CA MET A 212 41.71 0.72 -24.49
C MET A 212 40.95 1.69 -23.58
N PRO A 213 39.91 1.21 -22.89
CA PRO A 213 39.07 2.11 -22.11
C PRO A 213 39.84 2.77 -20.97
N TYR A 214 39.37 3.95 -20.58
CA TYR A 214 39.79 4.52 -19.31
C TYR A 214 39.15 3.74 -18.18
N GLN A 215 39.76 3.84 -16.99
CA GLN A 215 39.36 2.99 -15.88
C GLN A 215 37.93 3.27 -15.43
N TRP A 216 37.44 4.50 -15.61
CA TRP A 216 36.09 4.82 -15.19
C TRP A 216 35.03 4.08 -16.01
N GLU A 217 35.38 3.63 -17.22
CA GLU A 217 34.39 2.98 -18.07
C GLU A 217 33.98 1.61 -17.54
N TYR A 218 34.82 0.96 -16.72
CA TYR A 218 34.48 -0.38 -16.23
C TYR A 218 33.36 -0.36 -15.21
N PRO A 219 33.42 0.42 -14.12
CA PRO A 219 32.26 0.47 -13.21
C PRO A 219 31.04 1.15 -13.82
N TYR A 220 31.22 1.97 -14.85
CA TYR A 220 30.06 2.56 -15.53
C TYR A 220 29.24 1.53 -16.26
N LEU A 221 29.81 0.36 -16.57
CA LEU A 221 29.02 -0.74 -17.11
C LEU A 221 27.90 -1.14 -16.17
N LEU A 222 28.09 -0.96 -14.86
CA LEU A 222 27.07 -1.28 -13.87
C LEU A 222 25.87 -0.33 -13.94
N SER A 223 26.00 0.77 -14.68
CA SER A 223 24.91 1.74 -14.79
C SER A 223 23.67 1.17 -15.47
N ILE A 224 23.80 0.03 -16.15
CA ILE A 224 22.62 -0.58 -16.75
C ILE A 224 21.68 -1.12 -15.67
N LEU A 225 22.20 -1.39 -14.46
CA LEU A 225 21.35 -1.94 -13.41
C LEU A 225 20.34 -0.92 -12.88
N PRO A 226 20.72 0.31 -12.52
CA PRO A 226 19.68 1.28 -12.13
C PRO A 226 18.69 1.58 -13.24
N SER A 227 19.12 1.58 -14.50
CA SER A 227 18.21 1.87 -15.61
C SER A 227 17.15 0.78 -15.75
N LEU A 228 17.57 -0.50 -15.70
CA LEU A 228 16.62 -1.59 -15.81
C LEU A 228 15.69 -1.64 -14.61
N LEU A 229 16.23 -1.45 -13.41
CA LEU A 229 15.40 -1.40 -12.21
C LEU A 229 14.42 -0.24 -12.25
N GLY A 230 14.79 0.86 -12.92
CA GLY A 230 13.84 1.94 -13.14
C GLY A 230 12.70 1.50 -14.04
N LEU A 231 13.02 0.83 -15.15
CA LEU A 231 11.98 0.33 -16.03
C LEU A 231 11.07 -0.67 -15.32
N LEU A 232 11.64 -1.47 -14.42
CA LEU A 232 10.86 -2.49 -13.72
C LEU A 232 9.84 -1.88 -12.76
N SER A 233 10.13 -0.68 -12.24
CA SER A 233 9.22 -0.06 -11.29
C SER A 233 7.97 0.51 -11.95
N PHE A 234 7.98 0.69 -13.28
CA PHE A 234 6.89 1.43 -13.91
C PHE A 234 5.60 0.62 -14.02
N PRO A 235 5.60 -0.65 -14.47
CA PRO A 235 4.31 -1.33 -14.69
C PRO A 235 3.39 -1.36 -13.48
N ARG A 236 3.93 -1.44 -12.27
CA ARG A 236 3.09 -1.51 -11.07
C ARG A 236 3.46 -0.44 -10.05
N ASN A 237 4.16 0.61 -10.47
CA ASN A 237 4.54 1.72 -9.60
C ASN A 237 5.22 1.22 -8.32
N ASN A 238 6.18 0.31 -8.51
CA ASN A 238 6.87 -0.31 -7.39
C ASN A 238 7.84 0.69 -6.76
N ILE A 239 7.47 1.22 -5.60
CA ILE A 239 8.31 2.20 -4.92
C ILE A 239 9.63 1.60 -4.50
N SER A 240 9.65 0.30 -4.17
CA SER A 240 10.89 -0.34 -3.75
C SER A 240 11.88 -0.43 -4.90
N TYR A 241 11.40 -0.77 -6.10
CA TYR A 241 12.28 -0.83 -7.26
C TYR A 241 12.89 0.53 -7.56
N LEU A 242 12.10 1.60 -7.42
CA LEU A 242 12.55 2.92 -7.87
C LEU A 242 13.59 3.49 -6.92
N VAL A 243 13.41 3.30 -5.61
CA VAL A 243 14.40 3.78 -4.66
C VAL A 243 15.70 3.01 -4.82
N LEU A 244 15.62 1.72 -5.14
CA LEU A 244 16.82 0.96 -5.48
C LEU A 244 17.47 1.49 -6.75
N SER A 245 16.65 1.92 -7.71
CA SER A 245 17.18 2.52 -8.93
C SER A 245 17.94 3.80 -8.64
N MET A 246 17.40 4.63 -7.74
CA MET A 246 18.02 5.93 -7.47
C MET A 246 19.36 5.77 -6.75
N ILE A 247 19.42 4.87 -5.77
CA ILE A 247 20.66 4.69 -5.01
C ILE A 247 21.76 4.14 -5.91
N SER A 248 21.45 3.08 -6.67
CA SER A 248 22.44 2.52 -7.59
C SER A 248 22.80 3.51 -8.68
N MET A 249 21.88 4.41 -9.04
CA MET A 249 22.18 5.43 -10.04
C MET A 249 23.29 6.36 -9.57
N GLY A 250 23.22 6.81 -8.32
CA GLY A 250 24.29 7.63 -7.78
C GLY A 250 25.61 6.89 -7.66
N LEU A 251 25.55 5.60 -7.39
CA LEU A 251 26.76 4.80 -7.21
C LEU A 251 27.35 4.30 -8.52
N PHE A 252 26.49 3.88 -9.47
CA PHE A 252 26.97 3.20 -10.67
C PHE A 252 26.86 4.02 -11.95
N SER A 253 25.98 5.02 -11.99
CA SER A 253 25.83 5.88 -13.16
C SER A 253 26.51 7.23 -13.01
N ILE A 254 26.40 7.85 -11.83
CA ILE A 254 26.95 9.18 -11.64
C ILE A 254 28.37 9.13 -11.06
N ALA A 255 28.60 8.30 -10.06
CA ALA A 255 29.92 8.23 -9.45
C ALA A 255 31.04 7.85 -10.43
N PRO A 256 30.88 6.87 -11.33
CA PRO A 256 31.96 6.64 -12.30
C PRO A 256 32.24 7.82 -13.20
N LEU A 257 31.21 8.58 -13.56
CA LEU A 257 31.41 9.73 -14.44
C LEU A 257 32.12 10.87 -13.71
N ILE A 258 31.82 11.04 -12.42
CA ILE A 258 32.54 12.04 -11.62
C ILE A 258 34.01 11.66 -11.51
N TYR A 259 34.28 10.40 -11.22
CA TYR A 259 35.67 9.96 -11.10
C TYR A 259 36.38 10.01 -12.45
N GLY A 260 35.67 9.71 -13.54
CA GLY A 260 36.26 9.82 -14.85
C GLY A 260 36.55 11.25 -15.26
N SER A 261 35.74 12.20 -14.79
CA SER A 261 36.06 13.60 -15.01
C SER A 261 37.45 13.94 -14.49
N MET A 262 37.85 13.33 -13.38
CA MET A 262 39.15 13.60 -12.79
C MET A 262 40.24 12.67 -13.32
N GLU A 263 39.89 11.42 -13.64
CA GLU A 263 40.88 10.48 -14.15
C GLU A 263 41.43 10.91 -15.50
N MET A 264 40.57 11.43 -16.37
CA MET A 264 40.97 11.82 -17.71
C MET A 264 41.60 13.21 -17.76
N PHE A 265 41.68 13.91 -16.63
CA PHE A 265 42.17 15.29 -16.60
C PHE A 265 43.64 15.40 -16.95
N PRO A 266 44.53 14.55 -16.43
CA PRO A 266 45.95 14.65 -16.85
C PRO A 266 46.14 14.45 -18.35
N ALA A 267 45.40 13.53 -18.96
CA ALA A 267 45.50 13.37 -20.41
C ALA A 267 44.95 14.59 -21.15
N ALA A 268 43.94 15.24 -20.58
CA ALA A 268 43.46 16.50 -21.16
C ALA A 268 44.50 17.60 -21.03
N GLN A 269 45.17 17.66 -19.86
CA GLN A 269 46.28 18.60 -19.68
C GLN A 269 47.34 18.41 -20.76
N GLN A 270 47.78 17.16 -20.95
CA GLN A 270 48.83 16.87 -21.92
C GLN A 270 48.37 17.20 -23.34
N LEU A 271 47.08 17.09 -23.62
CA LEU A 271 46.59 17.37 -24.97
C LEU A 271 46.50 18.87 -25.22
N TYR A 272 46.05 19.64 -24.23
CA TYR A 272 45.78 21.06 -24.45
C TYR A 272 46.98 21.96 -24.20
N ARG A 273 48.03 21.46 -23.55
CA ARG A 273 49.24 22.25 -23.37
C ARG A 273 50.46 21.68 -24.10
N HIS A 274 50.58 20.36 -24.20
CA HIS A 274 51.64 19.75 -24.97
C HIS A 274 51.22 19.32 -26.37
N GLY A 275 49.93 19.44 -26.69
CA GLY A 275 49.44 19.02 -28.00
C GLY A 275 49.76 17.58 -28.33
N LYS A 276 49.66 16.71 -27.33
CA LYS A 276 50.20 15.36 -27.42
C LYS A 276 49.16 14.38 -26.90
N ALA A 277 48.87 13.35 -27.69
CA ALA A 277 47.84 12.37 -27.37
C ALA A 277 48.43 10.97 -27.46
N TYR A 278 48.03 10.12 -26.52
CA TYR A 278 48.49 8.74 -26.47
C TYR A 278 47.40 7.72 -26.76
N ARG A 279 46.14 8.14 -26.80
CA ARG A 279 45.01 7.26 -27.06
C ARG A 279 44.16 7.88 -28.17
N PHE A 280 43.71 7.04 -29.09
CA PHE A 280 43.03 7.54 -30.27
C PHE A 280 41.74 6.75 -30.50
N LEU A 281 40.74 7.46 -31.04
CA LEU A 281 39.41 6.91 -31.26
C LEU A 281 38.93 7.36 -32.64
N PHE A 282 39.10 6.50 -33.64
CA PHE A 282 38.65 6.74 -35.01
C PHE A 282 39.23 8.04 -35.56
N GLY A 283 40.56 8.13 -35.54
CA GLY A 283 41.27 9.27 -36.07
C GLY A 283 41.39 10.46 -35.13
N PHE A 284 40.64 10.47 -34.03
CA PHE A 284 40.69 11.58 -33.09
C PHE A 284 41.19 11.09 -31.74
N SER A 285 41.68 12.03 -30.93
CA SER A 285 42.20 11.68 -29.62
C SER A 285 41.08 11.19 -28.70
N ALA A 286 41.35 10.08 -28.01
CA ALA A 286 40.31 9.43 -27.22
C ALA A 286 39.83 10.31 -26.08
N VAL A 287 40.73 11.08 -25.45
CA VAL A 287 40.33 11.89 -24.31
C VAL A 287 39.34 12.97 -24.73
N SER A 288 39.46 13.51 -25.95
CA SER A 288 38.50 14.52 -26.39
C SER A 288 37.14 13.89 -26.68
N ILE A 289 37.14 12.68 -27.22
CA ILE A 289 35.88 11.98 -27.50
C ILE A 289 35.19 11.60 -26.19
N MET A 290 35.96 11.05 -25.25
CA MET A 290 35.35 10.49 -24.05
C MET A 290 34.86 11.55 -23.09
N TYR A 291 35.48 12.73 -23.09
CA TYR A 291 34.94 13.84 -22.31
C TYR A 291 33.58 14.28 -22.84
N LEU A 292 33.42 14.29 -24.16
CA LEU A 292 32.11 14.59 -24.75
C LEU A 292 31.09 13.51 -24.38
N VAL A 293 31.53 12.24 -24.38
CA VAL A 293 30.65 11.16 -23.94
C VAL A 293 30.29 11.34 -22.48
N LEU A 294 31.30 11.62 -21.64
CA LEU A 294 31.06 11.83 -20.21
C LEU A 294 30.10 12.98 -19.97
N VAL A 295 30.25 14.07 -20.73
CA VAL A 295 29.38 15.23 -20.56
C VAL A 295 27.95 14.88 -20.92
N LEU A 296 27.75 14.15 -22.03
CA LEU A 296 26.42 13.74 -22.43
C LEU A 296 25.80 12.79 -21.41
N ALA A 297 26.59 11.82 -20.94
CA ALA A 297 26.09 10.84 -20.00
C ALA A 297 25.75 11.47 -18.65
N VAL A 298 26.60 12.39 -18.18
CA VAL A 298 26.31 13.11 -16.94
C VAL A 298 24.97 13.82 -17.03
N GLN A 299 24.72 14.49 -18.15
CA GLN A 299 23.46 15.19 -18.33
C GLN A 299 22.29 14.22 -18.36
N VAL A 300 22.44 13.09 -19.06
CA VAL A 300 21.36 12.12 -19.15
C VAL A 300 21.03 11.56 -17.77
N HIS A 301 22.06 11.20 -17.00
CA HIS A 301 21.83 10.61 -15.69
C HIS A 301 21.41 11.65 -14.66
N ALA A 302 21.79 12.92 -14.84
CA ALA A 302 21.34 13.96 -13.91
C ALA A 302 19.83 14.17 -14.01
N TRP A 303 19.31 14.27 -15.24
CA TRP A 303 17.87 14.39 -15.40
C TRP A 303 17.15 13.12 -14.97
N GLN A 304 17.75 11.95 -15.25
CA GLN A 304 17.12 10.69 -14.87
C GLN A 304 16.92 10.60 -13.36
N LEU A 305 17.95 10.97 -12.58
CA LEU A 305 17.82 10.99 -11.12
C LEU A 305 16.79 12.01 -10.68
N TYR A 306 16.86 13.22 -11.22
CA TYR A 306 15.94 14.28 -10.82
C TYR A 306 14.49 13.85 -11.05
N TYR A 307 14.19 13.34 -12.24
CA TYR A 307 12.83 12.88 -12.53
C TYR A 307 12.46 11.70 -11.63
N SER A 308 13.42 10.84 -11.32
CA SER A 308 13.14 9.68 -10.49
C SER A 308 12.75 10.09 -9.07
N LYS A 309 13.47 11.06 -8.50
CA LYS A 309 13.11 11.56 -7.17
C LYS A 309 11.72 12.20 -7.19
N LYS A 310 11.39 12.93 -8.25
CA LYS A 310 10.04 13.49 -8.36
C LYS A 310 9.02 12.40 -8.56
N LEU A 311 9.35 11.37 -9.36
CA LEU A 311 8.46 10.22 -9.48
C LEU A 311 8.28 9.51 -8.15
N LEU A 312 9.37 9.40 -7.38
CA LEU A 312 9.28 8.78 -6.05
C LEU A 312 8.43 9.62 -5.11
N ASP A 313 8.63 10.94 -5.11
CA ASP A 313 7.78 11.83 -4.31
C ASP A 313 6.31 11.67 -4.67
N SER A 314 6.02 11.52 -5.97
CA SER A 314 4.64 11.48 -6.43
C SER A 314 3.96 10.18 -6.00
N TRP A 315 4.63 9.04 -6.18
CA TRP A 315 4.07 7.76 -5.76
C TRP A 315 3.83 7.73 -4.25
N PHE A 316 4.78 8.25 -3.47
CA PHE A 316 4.62 8.26 -2.02
C PHE A 316 3.45 9.14 -1.60
N THR A 317 3.39 10.36 -2.14
CA THR A 317 2.30 11.27 -1.76
C THR A 317 0.95 10.72 -2.15
N SER A 318 0.84 10.16 -3.37
CA SER A 318 -0.47 9.71 -3.85
C SER A 318 -0.94 8.46 -3.11
N THR A 319 -0.04 7.51 -2.86
CA THR A 319 -0.45 6.30 -2.15
C THR A 319 -0.75 6.60 -0.68
N GLN A 320 -0.04 7.56 -0.08
CA GLN A 320 -0.35 7.95 1.29
C GLN A 320 -1.65 8.76 1.35
N GLU A 321 -1.85 9.68 0.40
CA GLU A 321 -3.09 10.44 0.34
C GLU A 321 -4.28 9.50 0.14
N LYS A 322 -4.14 8.49 -0.72
CA LYS A 322 -5.20 7.50 -0.86
C LYS A 322 -5.45 6.76 0.45
N LYS A 323 -4.37 6.41 1.15
CA LYS A 323 -4.49 5.68 2.41
C LYS A 323 -5.25 6.51 3.43
N HIS A 324 -4.89 7.79 3.55
CA HIS A 324 -5.55 8.68 4.51
C HIS A 324 -7.04 8.79 4.23
N LYS A 325 -7.43 8.82 2.96
CA LYS A 325 -8.82 9.06 2.57
C LYS A 325 -9.67 7.80 2.53
N ASN A 326 -9.07 6.62 2.54
CA ASN A 326 -9.82 5.36 2.57
C ASN A 326 -9.79 4.72 3.95
N SER A 327 -9.38 5.47 4.97
CA SER A 327 -9.19 4.96 6.32
C SER A 327 -10.23 5.53 7.27
N HIS A 328 -10.75 4.67 8.15
CA HIS A 328 -11.59 5.09 9.26
C HIS A 328 -10.91 4.72 10.57
N ASN A 329 -11.00 5.62 11.55
CA ASN A 329 -10.34 5.44 12.83
C ASN A 329 -11.34 4.97 13.88
N VAL A 330 -11.06 3.82 14.48
CA VAL A 330 -11.90 3.27 15.55
C VAL A 330 -11.22 3.65 16.87
N TYR A 331 -11.78 4.63 17.57
CA TYR A 331 -11.17 5.12 18.80
C TYR A 331 -11.61 4.24 19.98
N ILE A 332 -10.65 3.58 20.59
CA ILE A 332 -10.91 2.60 21.65
C ILE A 332 -10.48 3.17 22.99
N THR A 333 -11.33 2.99 24.00
CA THR A 333 -11.03 3.40 25.36
C THR A 333 -11.36 2.24 26.30
N ALA A 334 -10.71 2.23 27.46
CA ALA A 334 -10.93 1.17 28.43
C ALA A 334 -12.25 1.39 29.17
N ASP A 335 -13.02 0.32 29.33
CA ASP A 335 -14.28 0.34 30.09
C ASP A 335 -14.09 -0.55 31.31
N LYS A 336 -13.49 0.01 32.35
CA LYS A 336 -13.12 -0.76 33.53
C LYS A 336 -14.33 -1.27 34.31
N GLN A 337 -15.48 -0.62 34.18
CA GLN A 337 -16.65 -1.04 34.95
C GLN A 337 -17.17 -2.40 34.44
N LYS A 338 -17.09 -2.63 33.13
CA LYS A 338 -17.49 -3.90 32.54
C LYS A 338 -16.30 -4.78 32.15
N ASN A 339 -15.10 -4.43 32.63
CA ASN A 339 -13.88 -5.21 32.37
C ASN A 339 -13.65 -5.40 30.87
N GLY A 340 -13.95 -4.38 30.08
CA GLY A 340 -13.81 -4.46 28.64
C GLY A 340 -13.40 -3.13 28.06
N ILE A 341 -13.79 -2.90 26.81
CA ILE A 341 -13.47 -1.66 26.11
C ILE A 341 -14.75 -1.09 25.52
N LYS A 342 -14.68 0.20 25.20
CA LYS A 342 -15.71 0.88 24.43
C LYS A 342 -15.07 1.51 23.20
N ALA A 343 -15.90 1.74 22.19
CA ALA A 343 -15.43 2.34 20.95
C ALA A 343 -16.49 3.30 20.45
N ASN A 344 -16.04 4.40 19.85
CA ASN A 344 -16.91 5.38 19.23
C ASN A 344 -16.26 5.86 17.94
N PHE A 345 -17.04 5.86 16.86
CA PHE A 345 -16.54 6.31 15.57
C PHE A 345 -17.73 6.54 14.65
N LYS A 346 -17.48 7.24 13.56
CA LYS A 346 -18.52 7.62 12.60
C LYS A 346 -18.07 7.19 11.22
N ILE A 347 -18.88 6.36 10.56
CA ILE A 347 -18.67 6.01 9.16
C ILE A 347 -19.48 6.97 8.31
N ARG A 348 -18.85 7.49 7.26
CA ARG A 348 -19.52 8.41 6.32
C ARG A 348 -19.70 7.67 5.00
N HIS A 349 -20.87 7.05 4.83
CA HIS A 349 -21.17 6.32 3.60
C HIS A 349 -21.47 7.29 2.46
N ASN A 350 -20.91 7.01 1.29
CA ASN A 350 -21.12 7.85 0.13
C ASN A 350 -22.49 7.59 -0.48
N VAL A 351 -23.28 8.65 -0.67
CA VAL A 351 -24.57 8.57 -1.33
C VAL A 351 -24.38 8.87 -2.81
N GLU A 352 -25.21 8.22 -3.65
CA GLU A 352 -25.00 8.27 -5.10
C GLU A 352 -25.19 9.67 -5.67
N ASP A 353 -25.89 10.56 -4.98
CA ASP A 353 -26.04 11.93 -5.45
C ASP A 353 -24.81 12.79 -5.16
N GLY A 354 -23.70 12.18 -4.74
CA GLY A 354 -22.44 12.88 -4.58
C GLY A 354 -22.25 13.42 -3.17
N SER A 355 -22.67 12.66 -2.17
CA SER A 355 -22.82 13.18 -0.82
C SER A 355 -22.52 12.06 0.16
N VAL A 356 -22.96 12.24 1.42
CA VAL A 356 -22.58 11.33 2.49
C VAL A 356 -23.78 11.03 3.38
N GLN A 357 -23.82 9.80 3.89
CA GLN A 357 -24.79 9.37 4.89
C GLN A 357 -24.02 8.91 6.11
N LEU A 358 -24.19 9.62 7.23
CA LEU A 358 -23.42 9.33 8.43
C LEU A 358 -24.01 8.16 9.20
N ALA A 359 -23.13 7.36 9.78
CA ALA A 359 -23.51 6.21 10.62
C ALA A 359 -22.66 6.28 11.89
N ASP A 360 -23.27 6.72 12.99
CA ASP A 360 -22.56 6.89 14.25
C ASP A 360 -22.52 5.57 15.01
N HIS A 361 -21.32 5.09 15.30
CA HIS A 361 -21.11 3.79 15.93
C HIS A 361 -20.80 3.95 17.40
N TYR A 362 -21.58 3.27 18.24
CA TYR A 362 -21.31 3.14 19.67
C TYR A 362 -21.11 1.67 19.97
N GLN A 363 -19.93 1.30 20.46
CA GLN A 363 -19.53 -0.08 20.58
C GLN A 363 -19.06 -0.37 22.00
N GLN A 364 -19.31 -1.60 22.46
CA GLN A 364 -18.76 -2.07 23.72
C GLN A 364 -18.44 -3.56 23.59
N ASN A 365 -17.31 -3.96 24.17
CA ASN A 365 -16.83 -5.33 24.12
C ASN A 365 -16.60 -5.84 25.54
N THR A 366 -17.07 -7.06 25.82
CA THR A 366 -16.87 -7.70 27.11
C THR A 366 -16.33 -9.10 26.91
N PRO A 367 -15.36 -9.52 27.70
CA PRO A 367 -14.81 -10.88 27.56
C PRO A 367 -15.83 -11.93 27.93
N ILE A 368 -15.82 -13.04 27.19
CA ILE A 368 -16.80 -14.10 27.41
C ILE A 368 -16.48 -14.87 28.68
N GLY A 369 -15.27 -15.39 28.78
CA GLY A 369 -14.90 -16.22 29.92
C GLY A 369 -14.26 -15.43 31.04
N ASP A 370 -14.18 -16.08 32.20
CA ASP A 370 -13.41 -15.54 33.30
C ASP A 370 -11.93 -15.68 32.99
N GLY A 371 -11.18 -14.62 33.28
CA GLY A 371 -9.77 -14.60 32.96
C GLY A 371 -9.29 -13.20 32.65
N PRO A 372 -8.03 -12.92 32.99
CA PRO A 372 -7.51 -11.56 32.81
C PRO A 372 -7.40 -11.18 31.34
N VAL A 373 -7.70 -9.92 31.05
CA VAL A 373 -7.56 -9.36 29.71
C VAL A 373 -6.88 -8.00 29.83
N LEU A 374 -6.28 -7.57 28.72
CA LEU A 374 -5.57 -6.30 28.68
C LEU A 374 -6.55 -5.15 28.53
N LEU A 375 -6.58 -4.26 29.52
CA LEU A 375 -7.39 -3.05 29.43
C LEU A 375 -6.51 -1.93 28.89
N PRO A 376 -6.78 -1.43 27.69
CA PRO A 376 -5.81 -0.54 27.02
C PRO A 376 -5.95 0.91 27.46
N ASP A 377 -4.86 1.64 27.26
CA ASP A 377 -4.95 3.08 27.23
C ASP A 377 -5.52 3.52 25.89
N ASN A 378 -5.96 4.78 25.85
CA ASN A 378 -6.59 5.37 24.67
C ASN A 378 -5.73 5.15 23.42
N HIS A 379 -6.38 4.68 22.34
CA HIS A 379 -5.72 4.51 21.06
C HIS A 379 -6.81 4.30 20.00
N TYR A 380 -6.38 4.12 18.75
CA TYR A 380 -7.32 3.92 17.66
C TYR A 380 -6.79 2.87 16.68
N LEU A 381 -7.71 2.26 15.94
CA LEU A 381 -7.40 1.31 14.89
C LEU A 381 -7.61 1.98 13.54
N SER A 382 -6.54 2.07 12.74
CA SER A 382 -6.64 2.62 11.40
C SER A 382 -7.12 1.52 10.46
N THR A 383 -8.34 1.64 9.96
CA THR A 383 -9.01 0.56 9.24
C THR A 383 -9.22 0.94 7.78
N GLN A 384 -8.78 0.07 6.87
CA GLN A 384 -8.93 0.26 5.43
C GLN A 384 -9.64 -0.93 4.84
N SER A 385 -10.75 -0.69 4.14
CA SER A 385 -11.52 -1.74 3.50
C SER A 385 -11.67 -1.45 2.01
N VAL A 386 -11.57 -2.50 1.20
CA VAL A 386 -11.77 -2.41 -0.24
C VAL A 386 -12.83 -3.43 -0.63
N LEU A 387 -13.91 -2.96 -1.26
CA LEU A 387 -15.03 -3.80 -1.63
C LEU A 387 -14.96 -4.13 -3.12
N SER A 388 -15.24 -5.39 -3.46
CA SER A 388 -15.23 -5.82 -4.86
C SER A 388 -16.27 -6.92 -5.04
N LYS A 389 -16.29 -7.49 -6.24
CA LYS A 389 -17.26 -8.52 -6.61
C LYS A 389 -16.54 -9.71 -7.21
N ASP A 390 -17.17 -10.88 -7.09
CA ASP A 390 -16.73 -12.09 -7.76
C ASP A 390 -17.55 -12.28 -9.02
N PRO A 391 -16.94 -12.24 -10.20
CA PRO A 391 -17.75 -12.33 -11.44
C PRO A 391 -18.47 -13.66 -11.60
N ASN A 392 -17.95 -14.74 -11.02
CA ASN A 392 -18.59 -16.04 -11.14
C ASN A 392 -19.69 -16.26 -10.11
N GLU A 393 -19.77 -15.43 -9.08
CA GLU A 393 -20.76 -15.59 -8.02
C GLU A 393 -22.06 -14.89 -8.42
N LYS A 394 -23.13 -15.65 -8.56
CA LYS A 394 -24.40 -15.11 -9.00
C LYS A 394 -25.26 -14.58 -7.85
N ARG A 395 -25.10 -15.12 -6.66
CA ARG A 395 -25.90 -14.66 -5.53
C ARG A 395 -25.44 -13.26 -5.09
N ASP A 396 -26.29 -12.60 -4.30
CA ASP A 396 -25.94 -11.31 -3.72
C ASP A 396 -24.79 -11.51 -2.74
N HIS A 397 -23.67 -10.84 -2.98
CA HIS A 397 -22.44 -11.13 -2.26
C HIS A 397 -21.59 -9.88 -2.12
N MET A 398 -20.54 -10.00 -1.32
CA MET A 398 -19.55 -8.94 -1.17
C MET A 398 -18.18 -9.57 -0.91
N VAL A 399 -17.19 -9.18 -1.70
CA VAL A 399 -15.81 -9.60 -1.49
C VAL A 399 -15.09 -8.48 -0.77
N LEU A 400 -14.46 -8.79 0.37
CA LEU A 400 -13.93 -7.78 1.27
C LEU A 400 -12.44 -8.00 1.51
N LEU A 401 -11.66 -6.93 1.39
CA LEU A 401 -10.25 -6.92 1.70
C LEU A 401 -10.00 -5.79 2.70
N GLU A 402 -9.36 -6.11 3.82
CA GLU A 402 -9.23 -5.17 4.92
C GLU A 402 -7.80 -5.14 5.45
N PHE A 403 -7.38 -3.94 5.89
CA PHE A 403 -6.07 -3.73 6.50
C PHE A 403 -6.29 -2.88 7.75
N VAL A 404 -5.91 -3.40 8.91
CA VAL A 404 -6.13 -2.73 10.19
C VAL A 404 -4.81 -2.60 10.92
N THR A 405 -4.59 -1.45 11.56
CA THR A 405 -3.39 -1.22 12.36
C THR A 405 -3.73 -0.28 13.51
N ALA A 406 -3.35 -0.67 14.73
CA ALA A 406 -3.43 0.24 15.86
C ALA A 406 -2.32 1.28 15.76
N ALA A 407 -2.60 2.50 16.24
CA ALA A 407 -1.66 3.59 16.00
C ALA A 407 -1.79 4.76 16.97
N GLY A 408 -2.71 4.68 17.94
CA GLY A 408 -3.02 5.86 18.73
C GLY A 408 -1.92 6.34 19.63
N ILE A 409 -1.00 5.47 20.03
CA ILE A 409 -0.08 5.74 21.13
C ILE A 409 1.32 5.92 20.56
N THR A 410 1.81 7.17 20.61
CA THR A 410 3.23 7.41 20.37
C THR A 410 4.07 6.93 21.55
N HIS A 411 3.55 7.11 22.77
CA HIS A 411 4.24 6.71 23.98
C HIS A 411 4.50 5.20 24.03
C8 OLC B . 21.64 12.20 -28.90
C24 OLC B . 14.32 16.15 -20.34
C7 OLC B . 20.98 13.25 -28.01
C6 OLC B . 20.38 12.57 -26.78
C5 OLC B . 19.85 13.64 -25.83
C4 OLC B . 20.13 13.23 -24.39
C3 OLC B . 19.96 14.45 -23.48
C2 OLC B . 18.51 14.89 -23.48
C21 OLC B . 16.38 16.95 -21.49
C1 OLC B . 18.28 15.84 -22.30
C22 OLC B . 14.91 16.61 -21.68
O19 OLC B . 19.10 16.64 -22.02
O25 OLC B . 14.23 17.24 -19.48
O23 OLC B . 14.23 17.75 -22.12
O20 OLC B . 17.11 15.75 -21.55
C24 OLC C . 13.09 22.05 -12.20
C3 OLC C . 19.23 18.33 -13.64
C2 OLC C . 18.75 19.46 -12.74
C21 OLC C . 15.24 20.85 -12.66
C1 OLC C . 17.26 19.69 -12.97
C22 OLC C . 14.60 22.05 -11.97
O19 OLC C . 16.66 18.98 -13.69
O25 OLC C . 12.46 22.94 -11.34
O23 OLC C . 14.85 21.99 -10.59
O20 OLC C . 16.59 20.74 -12.31
#